data_4YJM
#
_entry.id   4YJM
#
_cell.length_a   58.007
_cell.length_b   92.550
_cell.length_c   96.464
_cell.angle_alpha   90.00
_cell.angle_beta   90.00
_cell.angle_gamma   90.00
#
_symmetry.space_group_name_H-M   'P 21 21 21'
#
loop_
_entity.id
_entity.type
_entity.pdbx_description
1 polymer 'ATP-dependent Clp protease adapter protein ClpS 2'
2 water water
#
_entity_poly.entity_id   1
_entity_poly.type   'polypeptide(L)'
_entity_poly.pdbx_seq_one_letter_code
;MSDSPVDLKPKPKVKPKLERPKLYKVMLLNDDYTPREFVTVVLKAVFRMSEDTGRRVMMTAHRFGSAVVVVCERDIAETK
AKEATDLGKEAGFPLMFTTEPEE
;
_entity_poly.pdbx_strand_id   A,B,C,D
#
# COMPACT_ATOMS: atom_id res chain seq x y z
N LEU A 18 -3.52 -9.10 36.45
CA LEU A 18 -4.87 -9.51 36.06
C LEU A 18 -5.59 -8.33 35.42
N GLU A 19 -4.94 -7.72 34.44
CA GLU A 19 -5.46 -6.53 33.76
C GLU A 19 -6.46 -6.87 32.64
N ARG A 20 -7.07 -5.83 32.07
CA ARG A 20 -8.15 -5.98 31.10
C ARG A 20 -7.72 -6.78 29.84
N PRO A 21 -8.53 -7.75 29.40
CA PRO A 21 -8.07 -8.47 28.21
C PRO A 21 -8.00 -7.56 26.97
N LYS A 22 -7.12 -7.88 26.02
CA LYS A 22 -7.01 -7.10 24.78
C LYS A 22 -7.68 -7.91 23.69
N LEU A 23 -8.81 -7.40 23.22
CA LEU A 23 -9.61 -8.08 22.22
C LEU A 23 -9.13 -7.75 20.82
N TYR A 24 -9.44 -8.66 19.88
CA TYR A 24 -8.97 -8.58 18.50
C TYR A 24 -10.16 -8.59 17.54
N LYS A 25 -10.11 -7.67 16.60
CA LYS A 25 -11.09 -7.63 15.51
C LYS A 25 -10.77 -8.75 14.53
N VAL A 26 -11.78 -9.45 14.07
CA VAL A 26 -11.64 -10.27 12.87
C VAL A 26 -12.16 -9.45 11.68
N MET A 27 -11.32 -9.28 10.67
CA MET A 27 -11.61 -8.45 9.49
C MET A 27 -11.79 -9.34 8.29
N LEU A 28 -12.85 -9.12 7.53
CA LEU A 28 -12.95 -9.60 6.15
C LEU A 28 -12.32 -8.61 5.17
N LEU A 29 -11.47 -9.10 4.27
CA LEU A 29 -10.86 -8.26 3.23
C LEU A 29 -11.60 -8.36 1.90
N ASN A 30 -11.66 -7.26 1.19
CA ASN A 30 -12.26 -7.26 -0.15
C ASN A 30 -11.40 -8.03 -1.11
N ASP A 31 -12.04 -8.69 -2.08
CA ASP A 31 -11.35 -9.14 -3.29
C ASP A 31 -12.29 -9.21 -4.47
N ASP A 32 -11.69 -9.40 -5.64
CA ASP A 32 -12.38 -9.42 -6.92
C ASP A 32 -12.83 -10.79 -7.40
N TYR A 33 -12.54 -11.85 -6.63
CA TYR A 33 -12.54 -13.20 -7.23
C TYR A 33 -13.38 -14.20 -6.47
N THR A 34 -13.56 -13.98 -5.18
CA THR A 34 -14.35 -14.93 -4.40
C THR A 34 -15.83 -14.65 -4.63
N PRO A 35 -16.60 -15.68 -5.00
CA PRO A 35 -18.03 -15.39 -5.22
C PRO A 35 -18.76 -14.92 -3.96
N ARG A 36 -19.64 -13.96 -4.17
CA ARG A 36 -20.44 -13.36 -3.11
C ARG A 36 -21.18 -14.44 -2.31
N GLU A 37 -21.75 -15.41 -3.00
CA GLU A 37 -22.55 -16.42 -2.34
C GLU A 37 -21.69 -17.39 -1.53
N PHE A 38 -20.43 -17.57 -1.93
CA PHE A 38 -19.48 -18.37 -1.16
C PHE A 38 -19.16 -17.66 0.14
N VAL A 39 -18.90 -16.35 0.08
CA VAL A 39 -18.58 -15.61 1.31
C VAL A 39 -19.73 -15.66 2.28
N THR A 40 -20.96 -15.53 1.78
CA THR A 40 -22.13 -15.64 2.64
C THR A 40 -22.14 -16.96 3.43
N VAL A 41 -21.84 -18.08 2.78
CA VAL A 41 -21.95 -19.35 3.48
C VAL A 41 -20.74 -19.53 4.40
N VAL A 42 -19.59 -18.95 4.07
CA VAL A 42 -18.46 -18.96 5.02
C VAL A 42 -18.79 -18.17 6.29
N LEU A 43 -19.35 -16.98 6.11
CA LEU A 43 -19.74 -16.15 7.25
C LEU A 43 -20.79 -16.84 8.12
N LYS A 44 -21.73 -17.54 7.48
CA LYS A 44 -22.74 -18.25 8.23
C LYS A 44 -22.09 -19.41 9.03
N ALA A 45 -21.23 -20.18 8.38
CA ALA A 45 -20.70 -21.41 9.01
C ALA A 45 -19.76 -21.10 10.17
N VAL A 46 -18.88 -20.13 9.96
CA VAL A 46 -17.78 -19.82 10.90
C VAL A 46 -18.23 -18.81 11.96
N PHE A 47 -19.06 -17.84 11.58
CA PHE A 47 -19.41 -16.75 12.50
C PHE A 47 -20.90 -16.68 12.84
N ARG A 48 -21.68 -17.63 12.36
CA ARG A 48 -23.10 -17.70 12.65
C ARG A 48 -23.83 -16.44 12.15
N MET A 49 -23.29 -15.78 11.13
CA MET A 49 -23.78 -14.48 10.68
C MET A 49 -24.90 -14.65 9.62
N SER A 50 -25.99 -13.92 9.75
CA SER A 50 -27.11 -14.13 8.83
C SER A 50 -26.78 -13.60 7.44
N GLU A 51 -27.59 -13.99 6.47
CA GLU A 51 -27.42 -13.51 5.10
C GLU A 51 -27.40 -11.98 5.01
N ASP A 52 -28.43 -11.31 5.52
CA ASP A 52 -28.51 -9.85 5.44
C ASP A 52 -27.31 -9.16 6.08
N THR A 53 -26.96 -9.59 7.29
CA THR A 53 -25.78 -9.04 7.96
C THR A 53 -24.48 -9.25 7.17
N GLY A 54 -24.27 -10.48 6.71
CA GLY A 54 -23.15 -10.81 5.84
C GLY A 54 -23.04 -9.89 4.62
N ARG A 55 -24.17 -9.61 3.96
CA ARG A 55 -24.14 -8.78 2.77
C ARG A 55 -23.75 -7.35 3.11
N ARG A 56 -24.13 -6.88 4.29
CA ARG A 56 -23.73 -5.54 4.71
C ARG A 56 -22.20 -5.54 5.02
N VAL A 57 -21.70 -6.67 5.49
CA VAL A 57 -20.28 -6.76 5.82
C VAL A 57 -19.45 -6.67 4.51
N MET A 58 -19.87 -7.42 3.50
CA MET A 58 -19.28 -7.30 2.16
C MET A 58 -19.32 -5.92 1.52
N MET A 59 -20.49 -5.30 1.46
CA MET A 59 -20.58 -3.95 0.94
C MET A 59 -19.57 -3.06 1.64
N THR A 60 -19.39 -3.25 2.93
CA THR A 60 -18.44 -2.42 3.68
C THR A 60 -17.02 -2.70 3.20
N ALA A 61 -16.71 -3.99 3.03
CA ALA A 61 -15.38 -4.39 2.63
C ALA A 61 -15.10 -3.85 1.22
N HIS A 62 -16.09 -3.92 0.34
CA HIS A 62 -15.96 -3.37 -1.01
C HIS A 62 -15.74 -1.85 -0.99
N ARG A 63 -16.38 -1.16 -0.06
CA ARG A 63 -16.29 0.29 0.02
C ARG A 63 -14.97 0.75 0.64
N PHE A 64 -14.49 0.02 1.65
CA PHE A 64 -13.36 0.48 2.44
C PHE A 64 -12.09 -0.37 2.32
N GLY A 65 -12.22 -1.54 1.71
CA GLY A 65 -11.16 -2.54 1.61
C GLY A 65 -11.24 -3.70 2.62
N SER A 66 -11.81 -3.42 3.79
CA SER A 66 -12.04 -4.45 4.82
C SER A 66 -13.29 -4.13 5.65
N ALA A 67 -13.76 -5.11 6.43
CA ALA A 67 -14.93 -4.94 7.31
C ALA A 67 -14.80 -5.80 8.56
N VAL A 68 -15.20 -5.25 9.72
CA VAL A 68 -15.14 -6.01 10.97
C VAL A 68 -16.26 -7.03 11.00
N VAL A 69 -15.90 -8.25 11.37
CA VAL A 69 -16.86 -9.36 11.48
C VAL A 69 -17.29 -9.59 12.93
N VAL A 70 -16.30 -9.63 13.81
CA VAL A 70 -16.49 -9.89 15.23
C VAL A 70 -15.26 -9.33 15.96
N VAL A 71 -15.41 -9.05 17.26
CA VAL A 71 -14.25 -8.65 18.09
C VAL A 71 -14.28 -9.57 19.32
N CYS A 72 -13.20 -10.34 19.50
CA CYS A 72 -13.22 -11.39 20.53
C CYS A 72 -11.80 -11.65 21.06
N GLU A 73 -11.70 -12.60 21.98
CA GLU A 73 -10.42 -12.98 22.58
C GLU A 73 -9.41 -13.33 21.48
N ARG A 74 -8.16 -12.97 21.68
CA ARG A 74 -7.16 -13.15 20.62
C ARG A 74 -7.13 -14.57 20.04
N ASP A 75 -7.00 -15.60 20.90
CA ASP A 75 -6.95 -16.98 20.42
C ASP A 75 -8.12 -17.35 19.54
N ILE A 76 -9.32 -16.89 19.93
CA ILE A 76 -10.51 -17.23 19.18
C ILE A 76 -10.55 -16.46 17.87
N ALA A 77 -10.16 -15.19 17.90
CA ALA A 77 -10.05 -14.39 16.66
C ALA A 77 -9.14 -15.05 15.65
N GLU A 78 -7.98 -15.50 16.12
CA GLU A 78 -6.99 -16.14 15.24
C GLU A 78 -7.54 -17.43 14.68
N THR A 79 -8.18 -18.23 15.53
CA THR A 79 -8.72 -19.52 15.09
C THR A 79 -9.79 -19.37 14.03
N LYS A 80 -10.75 -18.48 14.27
CA LYS A 80 -11.79 -18.23 13.28
C LYS A 80 -11.31 -17.56 12.01
N ALA A 81 -10.40 -16.59 12.08
CA ALA A 81 -9.85 -15.99 10.88
C ALA A 81 -9.20 -17.08 10.04
N LYS A 82 -8.48 -17.99 10.68
CA LYS A 82 -7.78 -19.02 9.91
C LYS A 82 -8.76 -20.06 9.32
N GLU A 83 -9.80 -20.45 10.07
CA GLU A 83 -10.76 -21.44 9.54
C GLU A 83 -11.50 -20.87 8.34
N ALA A 84 -11.89 -19.59 8.45
CA ALA A 84 -12.66 -18.96 7.39
C ALA A 84 -11.78 -18.74 6.15
N THR A 85 -10.57 -18.28 6.35
CA THR A 85 -9.62 -18.17 5.26
C THR A 85 -9.34 -19.50 4.58
N ASP A 86 -9.17 -20.57 5.36
CA ASP A 86 -8.83 -21.86 4.82
C ASP A 86 -9.94 -22.37 3.90
N LEU A 87 -11.18 -22.06 4.22
CA LEU A 87 -12.28 -22.53 3.38
C LEU A 87 -12.11 -21.95 1.96
N GLY A 88 -11.75 -20.67 1.88
CA GLY A 88 -11.54 -20.04 0.58
C GLY A 88 -10.31 -20.56 -0.12
N LYS A 89 -9.24 -20.62 0.66
CA LYS A 89 -7.95 -21.05 0.13
C LYS A 89 -8.07 -22.42 -0.55
N GLU A 90 -8.66 -23.39 0.13
CA GLU A 90 -8.72 -24.75 -0.38
C GLU A 90 -9.76 -24.90 -1.49
N ALA A 91 -10.57 -23.86 -1.70
CA ALA A 91 -11.47 -23.79 -2.85
C ALA A 91 -10.82 -23.08 -4.04
N GLY A 92 -9.63 -22.54 -3.84
CA GLY A 92 -8.92 -21.86 -4.92
C GLY A 92 -9.28 -20.40 -5.04
N PHE A 93 -9.85 -19.83 -3.97
CA PHE A 93 -10.21 -18.42 -3.93
C PHE A 93 -9.21 -17.64 -3.06
N PRO A 94 -9.07 -16.32 -3.32
CA PRO A 94 -8.16 -15.48 -2.53
C PRO A 94 -8.78 -14.96 -1.24
N LEU A 95 -10.01 -15.38 -0.91
CA LEU A 95 -10.69 -14.97 0.32
C LEU A 95 -9.78 -14.95 1.54
N MET A 96 -9.75 -13.81 2.21
CA MET A 96 -8.87 -13.60 3.36
C MET A 96 -9.54 -12.91 4.53
N PHE A 97 -9.43 -13.54 5.71
CA PHE A 97 -9.80 -12.95 6.98
C PHE A 97 -8.52 -12.71 7.80
N THR A 98 -8.43 -11.56 8.47
CA THR A 98 -7.24 -11.21 9.25
C THR A 98 -7.66 -10.84 10.67
N THR A 99 -6.71 -10.69 11.59
CA THR A 99 -7.01 -10.12 12.89
C THR A 99 -6.21 -8.85 13.11
N GLU A 100 -6.75 -7.98 13.95
CA GLU A 100 -6.01 -6.82 14.38
C GLU A 100 -6.48 -6.42 15.75
N PRO A 101 -5.56 -5.89 16.53
CA PRO A 101 -5.93 -5.56 17.90
C PRO A 101 -6.91 -4.39 17.89
N GLU A 102 -7.86 -4.36 18.82
CA GLU A 102 -8.77 -3.21 18.90
C GLU A 102 -8.13 -2.06 19.68
N ARG B 20 7.84 -20.18 26.77
CA ARG B 20 8.45 -19.57 25.58
C ARG B 20 7.54 -18.49 25.00
N PRO B 21 8.13 -17.35 24.60
CA PRO B 21 7.29 -16.34 23.93
C PRO B 21 6.81 -16.82 22.56
N LYS B 22 5.53 -16.67 22.25
CA LYS B 22 5.02 -17.08 20.95
C LYS B 22 5.28 -15.97 19.94
N LEU B 23 5.99 -16.32 18.88
CA LEU B 23 6.34 -15.36 17.83
C LEU B 23 5.25 -15.32 16.75
N TYR B 24 5.21 -14.21 16.00
CA TYR B 24 4.22 -13.98 14.95
C TYR B 24 4.87 -13.71 13.60
N LYS B 25 4.38 -14.39 12.57
CA LYS B 25 4.76 -14.09 11.20
C LYS B 25 4.12 -12.80 10.75
N VAL B 26 4.89 -11.96 10.08
CA VAL B 26 4.32 -10.86 9.34
C VAL B 26 4.23 -11.36 7.90
N MET B 27 3.03 -11.28 7.36
CA MET B 27 2.72 -11.79 6.02
C MET B 27 2.44 -10.65 5.04
N LEU B 28 3.06 -10.73 3.86
CA LEU B 28 2.69 -9.87 2.74
C LEU B 28 1.58 -10.58 1.96
N LEU B 29 0.47 -9.89 1.73
CA LEU B 29 -0.59 -10.47 0.89
C LEU B 29 -0.45 -10.04 -0.57
N ASN B 30 -0.80 -10.93 -1.47
CA ASN B 30 -0.91 -10.59 -2.88
C ASN B 30 -2.03 -9.60 -3.14
N ASP B 31 -1.82 -8.66 -4.05
CA ASP B 31 -2.94 -7.93 -4.65
C ASP B 31 -2.55 -7.60 -6.08
N ASP B 32 -3.52 -7.19 -6.87
CA ASP B 32 -3.31 -7.01 -8.30
C ASP B 32 -3.12 -5.56 -8.71
N TYR B 33 -2.90 -4.66 -7.75
CA TYR B 33 -2.97 -3.23 -8.03
C TYR B 33 -1.79 -2.40 -7.49
N THR B 34 -1.22 -2.77 -6.37
CA THR B 34 -0.10 -2.01 -5.83
C THR B 34 1.10 -2.16 -6.76
N PRO B 35 1.74 -1.04 -7.16
CA PRO B 35 2.91 -1.23 -8.03
C PRO B 35 4.02 -2.01 -7.34
N ARG B 36 4.70 -2.89 -8.09
CA ARG B 36 5.72 -3.73 -7.46
C ARG B 36 6.88 -2.85 -6.92
N GLU B 37 7.26 -1.80 -7.63
CA GLU B 37 8.36 -1.00 -7.13
C GLU B 37 7.97 -0.25 -5.84
N PHE B 38 6.69 0.08 -5.66
CA PHE B 38 6.26 0.65 -4.40
C PHE B 38 6.35 -0.40 -3.24
N VAL B 39 5.92 -1.63 -3.46
CA VAL B 39 6.08 -2.69 -2.45
C VAL B 39 7.58 -2.85 -2.09
N THR B 40 8.43 -2.81 -3.11
CA THR B 40 9.86 -2.93 -2.89
C THR B 40 10.38 -1.88 -1.92
N VAL B 41 10.00 -0.62 -2.10
CA VAL B 41 10.50 0.42 -1.19
C VAL B 41 9.85 0.35 0.19
N VAL B 42 8.62 -0.15 0.27
CA VAL B 42 7.97 -0.38 1.55
C VAL B 42 8.71 -1.46 2.32
N LEU B 43 9.06 -2.56 1.65
CA LEU B 43 9.83 -3.61 2.31
C LEU B 43 11.18 -3.11 2.78
N LYS B 44 11.84 -2.30 1.97
CA LYS B 44 13.13 -1.77 2.38
C LYS B 44 12.96 -0.85 3.60
N ALA B 45 11.98 0.04 3.56
CA ALA B 45 11.84 1.04 4.62
C ALA B 45 11.43 0.44 5.95
N VAL B 46 10.45 -0.45 5.91
CA VAL B 46 9.88 -1.00 7.13
C VAL B 46 10.63 -2.22 7.63
N PHE B 47 11.17 -3.06 6.72
CA PHE B 47 11.73 -4.34 7.11
C PHE B 47 13.20 -4.44 6.81
N ARG B 48 13.80 -3.37 6.29
CA ARG B 48 15.21 -3.34 5.93
C ARG B 48 15.56 -4.46 4.92
N MET B 49 14.57 -4.84 4.11
CA MET B 49 14.70 -5.96 3.18
C MET B 49 15.27 -5.53 1.85
N SER B 50 16.33 -6.23 1.39
CA SER B 50 16.92 -5.85 0.13
C SER B 50 15.95 -6.06 -1.03
N GLU B 51 16.25 -5.37 -2.13
CA GLU B 51 15.44 -5.42 -3.34
C GLU B 51 15.23 -6.85 -3.81
N ASP B 52 16.34 -7.59 -3.87
CA ASP B 52 16.36 -8.96 -4.34
C ASP B 52 15.50 -9.90 -3.49
N THR B 53 15.72 -9.90 -2.18
CA THR B 53 14.84 -10.66 -1.29
C THR B 53 13.38 -10.22 -1.41
N GLY B 54 13.16 -8.91 -1.42
CA GLY B 54 11.83 -8.35 -1.59
C GLY B 54 11.11 -8.91 -2.82
N ARG B 55 11.83 -9.07 -3.92
CA ARG B 55 11.20 -9.52 -5.14
C ARG B 55 10.85 -11.00 -5.04
N ARG B 56 11.67 -11.74 -4.29
CA ARG B 56 11.35 -13.14 -4.04
C ARG B 56 10.10 -13.27 -3.16
N VAL B 57 10.01 -12.42 -2.14
CA VAL B 57 8.83 -12.41 -1.28
C VAL B 57 7.58 -12.10 -2.09
N MET B 58 7.63 -11.11 -2.97
CA MET B 58 6.50 -10.76 -3.82
C MET B 58 6.06 -11.90 -4.74
N MET B 59 7.02 -12.60 -5.33
CA MET B 59 6.69 -13.69 -6.22
C MET B 59 6.07 -14.85 -5.46
N THR B 60 6.51 -15.03 -4.23
CA THR B 60 5.94 -16.03 -3.36
C THR B 60 4.49 -15.64 -3.08
N ALA B 61 4.25 -14.37 -2.74
CA ALA B 61 2.89 -13.89 -2.45
C ALA B 61 1.98 -14.03 -3.67
N HIS B 62 2.52 -13.72 -4.85
CA HIS B 62 1.79 -13.91 -6.11
C HIS B 62 1.45 -15.38 -6.39
N ARG B 63 2.39 -16.27 -6.13
CA ARG B 63 2.17 -17.68 -6.41
C ARG B 63 1.19 -18.33 -5.41
N PHE B 64 1.30 -17.97 -4.13
CA PHE B 64 0.59 -18.67 -3.07
C PHE B 64 -0.43 -17.83 -2.33
N GLY B 65 -0.50 -16.55 -2.67
CA GLY B 65 -1.43 -15.63 -2.04
C GLY B 65 -0.85 -14.77 -0.95
N SER B 66 0.21 -15.25 -0.29
CA SER B 66 0.87 -14.49 0.78
C SER B 66 2.28 -15.06 0.98
N ALA B 67 3.12 -14.31 1.69
CA ALA B 67 4.52 -14.72 1.88
C ALA B 67 5.00 -14.16 3.20
N VAL B 68 5.85 -14.94 3.89
CA VAL B 68 6.37 -14.47 5.17
C VAL B 68 7.47 -13.42 4.94
N VAL B 69 7.40 -12.33 5.66
CA VAL B 69 8.38 -11.26 5.59
C VAL B 69 9.39 -11.41 6.72
N VAL B 70 8.88 -11.59 7.94
CA VAL B 70 9.70 -11.70 9.14
C VAL B 70 8.86 -12.42 10.19
N VAL B 71 9.52 -13.05 11.16
CA VAL B 71 8.83 -13.63 12.31
C VAL B 71 9.41 -13.01 13.59
N CYS B 72 8.55 -12.38 14.39
CA CYS B 72 9.07 -11.60 15.54
C CYS B 72 8.02 -11.50 16.66
N GLU B 73 8.42 -10.87 17.75
CA GLU B 73 7.53 -10.68 18.92
C GLU B 73 6.19 -10.08 18.46
N ARG B 74 5.09 -10.49 19.11
CA ARG B 74 3.74 -10.15 18.67
C ARG B 74 3.57 -8.66 18.46
N ASP B 75 3.97 -7.86 19.47
CA ASP B 75 3.72 -6.41 19.43
C ASP B 75 4.45 -5.77 18.26
N ILE B 76 5.68 -6.22 18.03
CA ILE B 76 6.50 -5.70 16.95
C ILE B 76 5.92 -6.12 15.60
N ALA B 77 5.52 -7.39 15.50
CA ALA B 77 4.88 -7.87 14.26
C ALA B 77 3.65 -7.01 13.92
N GLU B 78 2.80 -6.72 14.90
CA GLU B 78 1.62 -5.90 14.71
C GLU B 78 1.94 -4.48 14.27
N THR B 79 2.91 -3.86 14.94
CA THR B 79 3.36 -2.49 14.65
C THR B 79 3.88 -2.38 13.22
N LYS B 80 4.77 -3.30 12.84
CA LYS B 80 5.35 -3.26 11.51
C LYS B 80 4.31 -3.57 10.43
N ALA B 81 3.44 -4.53 10.67
CA ALA B 81 2.40 -4.83 9.68
C ALA B 81 1.53 -3.61 9.46
N LYS B 82 1.22 -2.90 10.53
CA LYS B 82 0.35 -1.72 10.41
C LYS B 82 1.07 -0.57 9.71
N GLU B 83 2.34 -0.33 10.05
CA GLU B 83 3.08 0.77 9.38
C GLU B 83 3.22 0.54 7.90
N ALA B 84 3.54 -0.70 7.50
CA ALA B 84 3.63 -1.02 6.09
C ALA B 84 2.30 -0.96 5.34
N THR B 85 1.23 -1.48 5.93
CA THR B 85 -0.08 -1.36 5.37
C THR B 85 -0.49 0.10 5.18
N ASP B 86 -0.19 0.91 6.19
CA ASP B 86 -0.59 2.31 6.18
C ASP B 86 0.05 3.11 5.04
N LEU B 87 1.30 2.77 4.74
CA LEU B 87 1.96 3.36 3.58
C LEU B 87 1.12 3.12 2.30
N GLY B 88 0.70 1.89 2.10
CA GLY B 88 -0.11 1.57 0.92
C GLY B 88 -1.47 2.24 0.96
N LYS B 89 -2.09 2.16 2.11
CA LYS B 89 -3.41 2.74 2.33
C LYS B 89 -3.42 4.21 2.03
N GLU B 90 -2.48 4.96 2.57
CA GLU B 90 -2.52 6.39 2.35
C GLU B 90 -2.10 6.79 0.95
N ALA B 91 -1.52 5.87 0.20
CA ALA B 91 -1.20 6.12 -1.21
C ALA B 91 -2.37 5.69 -2.14
N GLY B 92 -3.40 5.05 -1.58
CA GLY B 92 -4.58 4.65 -2.33
C GLY B 92 -4.60 3.18 -2.77
N PHE B 93 -3.60 2.42 -2.38
CA PHE B 93 -3.44 1.05 -2.83
C PHE B 93 -4.00 0.03 -1.85
N PRO B 94 -4.29 -1.19 -2.32
CA PRO B 94 -4.87 -2.17 -1.37
C PRO B 94 -3.81 -2.98 -0.62
N LEU B 95 -2.57 -2.58 -0.76
CA LEU B 95 -1.43 -3.27 -0.12
C LEU B 95 -1.68 -3.61 1.35
N MET B 96 -1.52 -4.88 1.68
CA MET B 96 -1.88 -5.36 3.02
C MET B 96 -0.83 -6.29 3.59
N PHE B 97 -0.35 -5.97 4.78
CA PHE B 97 0.45 -6.89 5.59
C PHE B 97 -0.36 -7.34 6.81
N THR B 98 -0.28 -8.62 7.16
CA THR B 98 -1.03 -9.17 8.30
C THR B 98 -0.11 -9.88 9.27
N THR B 99 -0.61 -10.38 10.39
CA THR B 99 0.19 -11.21 11.26
C THR B 99 -0.55 -12.51 11.45
N GLU B 100 0.22 -13.55 11.72
CA GLU B 100 -0.34 -14.82 12.17
C GLU B 100 0.64 -15.49 13.09
N PRO B 101 0.11 -16.28 14.03
CA PRO B 101 0.96 -16.91 15.03
C PRO B 101 1.78 -17.98 14.35
N GLU B 102 3.04 -18.09 14.72
CA GLU B 102 3.84 -19.22 14.24
C GLU B 102 3.17 -20.52 14.73
N GLU B 103 3.24 -21.58 13.95
CA GLU B 103 2.62 -22.85 14.34
C GLU B 103 3.63 -23.97 14.29
N ARG C 20 12.53 -15.32 -24.69
CA ARG C 20 11.12 -14.99 -24.54
C ARG C 20 10.93 -13.53 -24.09
N PRO C 21 10.03 -12.77 -24.76
CA PRO C 21 9.87 -11.34 -24.44
C PRO C 21 9.12 -11.09 -23.16
N LYS C 22 9.57 -10.13 -22.36
CA LYS C 22 8.79 -9.69 -21.22
C LYS C 22 8.15 -8.37 -21.57
N LEU C 23 6.83 -8.37 -21.66
CA LEU C 23 6.09 -7.15 -21.92
C LEU C 23 5.93 -6.38 -20.62
N TYR C 24 5.54 -5.12 -20.76
CA TYR C 24 5.40 -4.18 -19.65
C TYR C 24 4.01 -3.61 -19.57
N LYS C 25 3.52 -3.49 -18.36
CA LYS C 25 2.25 -2.87 -18.10
C LYS C 25 2.48 -1.38 -18.05
N VAL C 26 1.52 -0.64 -18.61
CA VAL C 26 1.38 0.77 -18.33
C VAL C 26 0.22 0.94 -17.36
N MET C 27 0.53 1.54 -16.22
CA MET C 27 -0.46 1.72 -15.17
C MET C 27 -0.76 3.20 -14.99
N LEU C 28 -2.04 3.51 -15.03
CA LEU C 28 -2.52 4.79 -14.55
C LEU C 28 -2.54 4.80 -13.06
N LEU C 29 -2.03 5.86 -12.43
CA LEU C 29 -2.17 5.99 -11.00
C LEU C 29 -3.26 7.01 -10.73
N ASN C 30 -4.15 6.71 -9.78
CA ASN C 30 -5.17 7.65 -9.38
C ASN C 30 -4.59 8.83 -8.61
N ASP C 31 -5.24 9.99 -8.72
CA ASP C 31 -4.96 11.11 -7.81
C ASP C 31 -6.26 11.87 -7.64
N ASP C 32 -6.29 12.78 -6.67
CA ASP C 32 -7.52 13.48 -6.33
C ASP C 32 -7.64 14.86 -7.02
N TYR C 33 -6.75 15.19 -7.96
CA TYR C 33 -6.68 16.55 -8.53
C TYR C 33 -6.93 16.64 -10.05
N THR C 34 -6.42 15.67 -10.80
CA THR C 34 -6.53 15.76 -12.24
C THR C 34 -8.00 15.60 -12.62
N PRO C 35 -8.55 16.53 -13.43
CA PRO C 35 -9.94 16.35 -13.84
C PRO C 35 -10.17 15.08 -14.65
N ARG C 36 -11.27 14.40 -14.31
CA ARG C 36 -11.71 13.16 -14.92
C ARG C 36 -11.76 13.29 -16.45
N GLU C 37 -12.39 14.36 -16.94
CA GLU C 37 -12.52 14.60 -18.38
C GLU C 37 -11.16 14.81 -19.06
N PHE C 38 -10.19 15.38 -18.34
CA PHE C 38 -8.84 15.51 -18.90
C PHE C 38 -8.23 14.12 -19.05
N VAL C 39 -8.39 13.27 -18.04
CA VAL C 39 -7.80 11.92 -18.12
C VAL C 39 -8.40 11.14 -19.27
N THR C 40 -9.68 11.36 -19.52
CA THR C 40 -10.37 10.67 -20.61
C THR C 40 -9.70 11.00 -21.96
N VAL C 41 -9.38 12.26 -22.16
CA VAL C 41 -8.88 12.66 -23.48
C VAL C 41 -7.38 12.35 -23.58
N VAL C 42 -6.67 12.25 -22.47
CA VAL C 42 -5.28 11.72 -22.49
C VAL C 42 -5.28 10.24 -22.88
N LEU C 43 -6.19 9.45 -22.30
CA LEU C 43 -6.25 8.03 -22.63
C LEU C 43 -6.63 7.84 -24.11
N LYS C 44 -7.55 8.65 -24.58
CA LYS C 44 -7.93 8.63 -25.99
C LYS C 44 -6.71 8.95 -26.88
N ALA C 45 -6.02 10.04 -26.58
CA ALA C 45 -4.95 10.51 -27.48
C ALA C 45 -3.74 9.59 -27.49
N VAL C 46 -3.33 9.13 -26.31
CA VAL C 46 -2.08 8.37 -26.18
C VAL C 46 -2.31 6.87 -26.39
N PHE C 47 -3.45 6.35 -25.92
CA PHE C 47 -3.68 4.91 -25.93
C PHE C 47 -4.85 4.51 -26.87
N ARG C 48 -5.47 5.47 -27.55
CA ARG C 48 -6.63 5.20 -28.44
C ARG C 48 -7.81 4.56 -27.67
N MET C 49 -7.89 4.87 -26.37
CA MET C 49 -8.94 4.31 -25.53
C MET C 49 -10.28 5.08 -25.65
N SER C 50 -11.35 4.34 -25.86
CA SER C 50 -12.66 4.94 -25.99
C SER C 50 -13.11 5.50 -24.64
N GLU C 51 -14.12 6.35 -24.63
CA GLU C 51 -14.52 7.04 -23.42
C GLU C 51 -15.03 6.06 -22.36
N ASP C 52 -15.83 5.09 -22.78
CA ASP C 52 -16.44 4.12 -21.87
C ASP C 52 -15.38 3.25 -21.23
N THR C 53 -14.38 2.86 -22.01
CA THR C 53 -13.32 2.01 -21.49
C THR C 53 -12.45 2.81 -20.49
N GLY C 54 -12.11 4.05 -20.86
CA GLY C 54 -11.28 4.91 -20.01
C GLY C 54 -11.98 5.15 -18.68
N ARG C 55 -13.31 5.19 -18.70
CA ARG C 55 -14.06 5.44 -17.49
C ARG C 55 -14.03 4.23 -16.54
N ARG C 56 -14.03 3.02 -17.10
CA ARG C 56 -13.88 1.83 -16.27
C ARG C 56 -12.46 1.80 -15.69
N VAL C 57 -11.48 2.20 -16.49
CA VAL C 57 -10.11 2.33 -16.00
C VAL C 57 -9.97 3.28 -14.84
N MET C 58 -10.64 4.44 -14.95
CA MET C 58 -10.55 5.44 -13.92
C MET C 58 -11.25 4.98 -12.65
N MET C 59 -12.36 4.26 -12.81
CA MET C 59 -13.11 3.75 -11.66
C MET C 59 -12.27 2.74 -10.90
N THR C 60 -11.63 1.88 -11.68
CA THR C 60 -10.72 0.87 -11.14
C THR C 60 -9.58 1.56 -10.40
N ALA C 61 -8.97 2.54 -11.03
CA ALA C 61 -7.84 3.25 -10.41
C ALA C 61 -8.32 3.99 -9.17
N HIS C 62 -9.55 4.50 -9.18
CA HIS C 62 -10.09 5.10 -7.97
C HIS C 62 -10.22 4.10 -6.82
N ARG C 63 -10.69 2.90 -7.13
CA ARG C 63 -10.93 1.92 -6.08
C ARG C 63 -9.63 1.37 -5.50
N PHE C 64 -8.65 1.15 -6.38
CA PHE C 64 -7.46 0.39 -6.02
C PHE C 64 -6.16 1.16 -6.17
N GLY C 65 -6.27 2.39 -6.64
CA GLY C 65 -5.12 3.28 -6.73
C GLY C 65 -4.36 3.19 -8.04
N SER C 66 -4.57 2.11 -8.79
CA SER C 66 -3.98 1.94 -10.14
C SER C 66 -4.90 1.19 -11.07
N ALA C 67 -4.61 1.26 -12.37
CA ALA C 67 -5.26 0.40 -13.32
C ALA C 67 -4.35 0.21 -14.52
N VAL C 68 -4.37 -0.99 -15.08
CA VAL C 68 -3.58 -1.24 -16.26
C VAL C 68 -4.30 -0.73 -17.50
N VAL C 69 -3.58 0.02 -18.32
CA VAL C 69 -4.14 0.62 -19.55
C VAL C 69 -3.87 -0.22 -20.77
N VAL C 70 -2.63 -0.70 -20.83
CA VAL C 70 -2.14 -1.49 -21.95
C VAL C 70 -0.98 -2.32 -21.44
N VAL C 71 -0.70 -3.47 -22.06
CA VAL C 71 0.53 -4.22 -21.79
C VAL C 71 1.22 -4.45 -23.12
N CYS C 72 2.48 -4.03 -23.24
CA CYS C 72 3.15 -3.93 -24.56
C CYS C 72 4.67 -3.91 -24.46
N GLU C 73 5.38 -3.87 -25.59
CA GLU C 73 6.86 -3.83 -25.60
C GLU C 73 7.41 -2.72 -24.72
N ARG C 74 8.53 -2.99 -24.09
CA ARG C 74 9.02 -2.09 -23.04
C ARG C 74 9.17 -0.64 -23.47
N ASP C 75 9.83 -0.38 -24.62
CA ASP C 75 10.13 1.01 -24.94
C ASP C 75 8.86 1.79 -25.32
N ILE C 76 7.88 1.11 -25.89
CA ILE C 76 6.60 1.72 -26.16
C ILE C 76 5.89 2.07 -24.83
N ALA C 77 5.89 1.11 -23.92
CA ALA C 77 5.27 1.28 -22.62
C ALA C 77 5.83 2.53 -21.91
N GLU C 78 7.15 2.64 -21.91
CA GLU C 78 7.81 3.74 -21.26
C GLU C 78 7.55 5.05 -22.00
N THR C 79 7.58 5.03 -23.33
CA THR C 79 7.31 6.24 -24.12
C THR C 79 5.91 6.72 -23.89
N LYS C 80 4.94 5.80 -23.88
CA LYS C 80 3.55 6.22 -23.74
C LYS C 80 3.26 6.72 -22.32
N ALA C 81 3.84 6.06 -21.32
CA ALA C 81 3.63 6.49 -19.95
C ALA C 81 4.19 7.90 -19.72
N LYS C 82 5.35 8.17 -20.32
CA LYS C 82 5.92 9.52 -20.22
C LYS C 82 5.13 10.55 -21.01
N GLU C 83 4.66 10.19 -22.19
CA GLU C 83 3.82 11.12 -22.96
C GLU C 83 2.57 11.50 -22.22
N ALA C 84 1.90 10.52 -21.63
CA ALA C 84 0.65 10.79 -20.95
C ALA C 84 0.89 11.55 -19.67
N THR C 85 1.98 11.21 -18.97
CA THR C 85 2.34 11.95 -17.78
C THR C 85 2.65 13.40 -18.10
N ASP C 86 3.42 13.62 -19.16
CA ASP C 86 3.86 14.95 -19.54
C ASP C 86 2.65 15.83 -19.90
N LEU C 87 1.63 15.26 -20.53
CA LEU C 87 0.43 16.05 -20.82
C LEU C 87 -0.14 16.61 -19.53
N GLY C 88 -0.24 15.77 -18.52
CA GLY C 88 -0.74 16.27 -17.24
C GLY C 88 0.19 17.28 -16.59
N LYS C 89 1.46 16.92 -16.52
CA LYS C 89 2.48 17.78 -15.91
C LYS C 89 2.45 19.18 -16.51
N GLU C 90 2.44 19.30 -17.83
CA GLU C 90 2.54 20.62 -18.45
C GLU C 90 1.20 21.33 -18.43
N ALA C 91 0.12 20.61 -18.08
CA ALA C 91 -1.15 21.30 -17.78
C ALA C 91 -1.28 21.71 -16.30
N GLY C 92 -0.26 21.42 -15.50
CA GLY C 92 -0.28 21.77 -14.09
C GLY C 92 -1.04 20.76 -13.24
N PHE C 93 -1.13 19.51 -13.69
CA PHE C 93 -1.81 18.44 -12.96
C PHE C 93 -0.77 17.40 -12.51
N PRO C 94 -1.02 16.69 -11.41
CA PRO C 94 -0.09 15.69 -10.86
C PRO C 94 -0.27 14.30 -11.50
N LEU C 95 -1.11 14.19 -12.54
CA LEU C 95 -1.36 12.96 -13.27
C LEU C 95 -0.07 12.16 -13.52
N MET C 96 -0.10 10.90 -13.11
CA MET C 96 1.07 10.05 -13.20
C MET C 96 0.73 8.68 -13.76
N PHE C 97 1.51 8.23 -14.73
CA PHE C 97 1.50 6.86 -15.19
C PHE C 97 2.85 6.24 -14.85
N THR C 98 2.85 4.93 -14.63
CA THR C 98 4.11 4.20 -14.47
C THR C 98 4.11 2.93 -15.30
N THR C 99 5.24 2.25 -15.27
CA THR C 99 5.39 0.99 -15.99
C THR C 99 6.07 -0.04 -15.10
N GLU C 100 5.77 -1.31 -15.36
CA GLU C 100 6.46 -2.41 -14.71
C GLU C 100 6.25 -3.69 -15.55
N PRO C 101 7.20 -4.64 -15.49
CA PRO C 101 7.13 -5.93 -16.19
C PRO C 101 5.89 -6.73 -15.80
N GLU C 102 5.28 -7.45 -16.74
CA GLU C 102 4.18 -8.33 -16.38
C GLU C 102 4.69 -9.53 -15.58
N GLU D 19 39.54 16.52 13.29
CA GLU D 19 38.60 15.52 12.79
C GLU D 19 37.26 15.58 13.54
N ARG D 20 36.33 16.35 12.98
CA ARG D 20 35.00 16.48 13.55
C ARG D 20 34.01 15.71 12.68
N PRO D 21 32.99 15.11 13.30
CA PRO D 21 31.97 14.48 12.46
C PRO D 21 31.12 15.50 11.71
N LYS D 22 31.16 15.49 10.38
CA LYS D 22 30.33 16.38 9.60
C LYS D 22 28.97 15.71 9.40
N LEU D 23 27.99 16.10 10.21
CA LEU D 23 26.63 15.58 10.07
C LEU D 23 25.86 16.32 8.97
N TYR D 24 24.81 15.68 8.47
CA TYR D 24 23.98 16.22 7.40
C TYR D 24 22.52 16.37 7.83
N LYS D 25 21.90 17.46 7.40
CA LYS D 25 20.48 17.68 7.57
C LYS D 25 19.72 16.89 6.53
N VAL D 26 18.61 16.30 6.95
CA VAL D 26 17.62 15.78 6.02
C VAL D 26 16.46 16.76 6.03
N MET D 27 16.11 17.27 4.86
CA MET D 27 15.00 18.21 4.77
C MET D 27 13.85 17.73 3.92
N LEU D 28 12.65 17.96 4.45
CA LEU D 28 11.42 17.82 3.71
C LEU D 28 11.17 19.06 2.86
N LEU D 29 10.84 18.88 1.58
CA LEU D 29 10.47 19.98 0.73
C LEU D 29 8.96 20.07 0.60
N ASN D 30 8.46 21.30 0.54
CA ASN D 30 7.04 21.51 0.32
C ASN D 30 6.64 21.15 -1.09
N ASP D 31 5.43 20.62 -1.22
CA ASP D 31 4.80 20.48 -2.53
C ASP D 31 3.29 20.63 -2.35
N ASP D 32 2.56 20.82 -3.45
CA ASP D 32 1.12 21.07 -3.39
C ASP D 32 0.24 19.83 -3.55
N TYR D 33 0.83 18.66 -3.71
CA TYR D 33 0.02 17.52 -4.13
C TYR D 33 0.14 16.26 -3.29
N THR D 34 1.25 16.07 -2.59
CA THR D 34 1.36 14.90 -1.75
C THR D 34 0.38 15.03 -0.58
N PRO D 35 -0.49 14.04 -0.39
CA PRO D 35 -1.45 14.10 0.72
C PRO D 35 -0.74 14.15 2.07
N ARG D 36 -1.22 14.99 2.98
CA ARG D 36 -0.59 15.14 4.30
C ARG D 36 -0.60 13.83 5.09
N GLU D 37 -1.67 13.04 4.96
CA GLU D 37 -1.78 11.76 5.67
C GLU D 37 -0.74 10.77 5.18
N PHE D 38 -0.40 10.82 3.90
CA PHE D 38 0.71 9.98 3.40
C PHE D 38 2.05 10.46 3.94
N VAL D 39 2.32 11.76 3.94
CA VAL D 39 3.58 12.25 4.48
C VAL D 39 3.80 11.78 5.93
N THR D 40 2.74 11.85 6.70
CA THR D 40 2.74 11.42 8.10
C THR D 40 3.19 9.99 8.24
N VAL D 41 2.68 9.10 7.40
CA VAL D 41 3.05 7.69 7.56
C VAL D 41 4.46 7.46 7.01
N VAL D 42 4.90 8.27 6.06
CA VAL D 42 6.30 8.19 5.66
C VAL D 42 7.22 8.64 6.77
N LEU D 43 6.87 9.72 7.44
CA LEU D 43 7.74 10.24 8.50
C LEU D 43 7.81 9.25 9.68
N LYS D 44 6.70 8.58 9.95
CA LYS D 44 6.66 7.54 11.01
C LYS D 44 7.56 6.38 10.63
N ALA D 45 7.42 5.89 9.41
CA ALA D 45 8.12 4.66 9.01
C ALA D 45 9.63 4.86 8.83
N VAL D 46 10.05 5.96 8.21
CA VAL D 46 11.47 6.16 7.92
C VAL D 46 12.21 6.82 9.06
N PHE D 47 11.56 7.77 9.73
CA PHE D 47 12.23 8.59 10.74
C PHE D 47 11.71 8.39 12.16
N ARG D 48 10.72 7.51 12.33
CA ARG D 48 10.13 7.20 13.65
C ARG D 48 9.50 8.45 14.25
N MET D 49 9.07 9.37 13.39
CA MET D 49 8.53 10.66 13.82
C MET D 49 7.05 10.55 14.09
N SER D 50 6.65 11.08 15.24
CA SER D 50 5.27 11.01 15.66
C SER D 50 4.36 11.88 14.79
N GLU D 51 3.05 11.62 14.85
CA GLU D 51 2.11 12.35 14.03
C GLU D 51 2.24 13.87 14.25
N ASP D 52 2.22 14.30 15.51
CA ASP D 52 2.16 15.72 15.81
C ASP D 52 3.44 16.46 15.43
N THR D 53 4.60 15.85 15.67
CA THR D 53 5.87 16.45 15.27
C THR D 53 5.96 16.57 13.74
N GLY D 54 5.53 15.54 13.01
CA GLY D 54 5.51 15.57 11.55
C GLY D 54 4.62 16.66 10.95
N ARG D 55 3.47 16.88 11.59
CA ARG D 55 2.60 17.98 11.18
C ARG D 55 3.31 19.33 11.30
N ARG D 56 4.02 19.56 12.39
CA ARG D 56 4.71 20.82 12.60
C ARG D 56 5.82 20.94 11.56
N VAL D 57 6.43 19.81 11.22
CA VAL D 57 7.46 19.78 10.20
C VAL D 57 6.84 20.21 8.87
N MET D 58 5.65 19.70 8.58
CA MET D 58 4.99 20.01 7.31
C MET D 58 4.61 21.49 7.25
N MET D 59 4.11 22.01 8.36
CA MET D 59 3.69 23.41 8.42
C MET D 59 4.90 24.29 8.14
N THR D 60 6.00 23.98 8.82
CA THR D 60 7.25 24.70 8.61
C THR D 60 7.64 24.63 7.15
N ALA D 61 7.50 23.45 6.56
CA ALA D 61 7.86 23.26 5.17
C ALA D 61 6.97 24.11 4.26
N HIS D 62 5.69 24.21 4.60
CA HIS D 62 4.78 24.99 3.76
C HIS D 62 5.07 26.48 3.91
N ARG D 63 5.43 26.88 5.12
CA ARG D 63 5.61 28.29 5.42
C ARG D 63 6.92 28.82 4.85
N PHE D 64 7.96 27.99 4.84
CA PHE D 64 9.29 28.46 4.45
C PHE D 64 9.88 27.73 3.25
N GLY D 65 9.18 26.70 2.77
CA GLY D 65 9.63 25.96 1.60
C GLY D 65 10.19 24.58 1.94
N SER D 66 10.73 24.45 3.16
CA SER D 66 11.41 23.23 3.56
C SER D 66 11.58 23.21 5.06
N ALA D 67 11.78 22.01 5.64
CA ALA D 67 11.98 21.89 7.08
C ALA D 67 12.86 20.70 7.41
N VAL D 68 13.69 20.86 8.44
CA VAL D 68 14.61 19.82 8.89
C VAL D 68 13.89 18.69 9.59
N VAL D 69 14.18 17.48 9.17
CA VAL D 69 13.55 16.31 9.76
C VAL D 69 14.48 15.70 10.80
N VAL D 70 15.77 15.69 10.48
CA VAL D 70 16.78 15.04 11.32
C VAL D 70 18.18 15.46 10.86
N VAL D 71 19.16 15.41 11.77
CA VAL D 71 20.56 15.70 11.46
C VAL D 71 21.37 14.51 11.92
N CYS D 72 22.11 13.89 11.00
CA CYS D 72 22.77 12.62 11.33
C CYS D 72 23.94 12.28 10.41
N GLU D 73 24.62 11.16 10.69
CA GLU D 73 25.75 10.72 9.86
C GLU D 73 25.38 10.82 8.40
N ARG D 74 26.31 11.22 7.56
CA ARG D 74 26.02 11.46 6.14
C ARG D 74 25.37 10.28 5.40
N ASP D 75 25.96 9.09 5.48
CA ASP D 75 25.39 7.95 4.77
C ASP D 75 23.94 7.68 5.20
N ILE D 76 23.65 7.88 6.48
CA ILE D 76 22.30 7.61 6.99
C ILE D 76 21.34 8.66 6.45
N ALA D 77 21.75 9.92 6.48
CA ALA D 77 20.94 11.00 5.94
C ALA D 77 20.59 10.74 4.47
N GLU D 78 21.59 10.41 3.67
CA GLU D 78 21.38 10.12 2.27
C GLU D 78 20.47 8.92 2.09
N THR D 79 20.65 7.88 2.91
CA THR D 79 19.85 6.67 2.77
C THR D 79 18.40 6.96 3.11
N LYS D 80 18.19 7.64 4.22
CA LYS D 80 16.83 7.93 4.63
C LYS D 80 16.09 8.91 3.71
N ALA D 81 16.78 9.93 3.21
CA ALA D 81 16.18 10.86 2.27
C ALA D 81 15.74 10.15 1.01
N LYS D 82 16.58 9.23 0.52
CA LYS D 82 16.25 8.47 -0.67
C LYS D 82 15.06 7.55 -0.39
N GLU D 83 15.08 6.86 0.76
CA GLU D 83 13.98 5.94 1.12
C GLU D 83 12.63 6.65 1.16
N ALA D 84 12.59 7.80 1.82
CA ALA D 84 11.34 8.54 2.01
C ALA D 84 10.87 9.17 0.69
N THR D 85 11.80 9.71 -0.09
CA THR D 85 11.47 10.18 -1.44
C THR D 85 10.92 9.03 -2.32
N ASP D 86 11.61 7.90 -2.31
CA ASP D 86 11.18 6.75 -3.12
C ASP D 86 9.73 6.32 -2.78
N LEU D 87 9.38 6.35 -1.49
CA LEU D 87 8.03 6.02 -1.09
C LEU D 87 7.04 6.96 -1.75
N GLY D 88 7.32 8.25 -1.79
CA GLY D 88 6.44 9.18 -2.52
C GLY D 88 6.46 8.94 -4.02
N LYS D 89 7.66 8.87 -4.59
CA LYS D 89 7.80 8.68 -6.03
C LYS D 89 7.04 7.47 -6.53
N GLU D 90 7.23 6.32 -5.88
CA GLU D 90 6.62 5.09 -6.37
C GLU D 90 5.13 5.05 -6.08
N ALA D 91 4.64 5.96 -5.24
CA ALA D 91 3.19 6.10 -5.00
C ALA D 91 2.58 7.08 -5.97
N GLY D 92 3.41 7.71 -6.79
CA GLY D 92 2.96 8.65 -7.79
C GLY D 92 2.90 10.08 -7.33
N PHE D 93 3.61 10.42 -6.24
CA PHE D 93 3.58 11.74 -5.63
C PHE D 93 4.89 12.48 -5.89
N PRO D 94 4.86 13.83 -5.84
CA PRO D 94 6.09 14.61 -6.03
C PRO D 94 6.94 14.74 -4.76
N LEU D 95 6.52 14.06 -3.68
CA LEU D 95 7.21 14.14 -2.36
C LEU D 95 8.74 14.05 -2.47
N MET D 96 9.42 14.99 -1.83
CA MET D 96 10.87 15.10 -1.98
C MET D 96 11.55 15.43 -0.65
N PHE D 97 12.56 14.64 -0.32
CA PHE D 97 13.51 14.95 0.75
C PHE D 97 14.93 15.14 0.19
N THR D 98 15.64 16.12 0.74
CA THR D 98 17.00 16.41 0.33
C THR D 98 17.92 16.36 1.54
N THR D 99 19.22 16.37 1.27
CA THR D 99 20.22 16.47 2.32
C THR D 99 21.23 17.57 2.04
N GLU D 100 21.79 18.11 3.11
CA GLU D 100 22.86 19.08 2.97
C GLU D 100 23.72 19.04 4.23
N PRO D 101 24.99 19.42 4.10
CA PRO D 101 25.81 19.48 5.31
C PRO D 101 25.23 20.46 6.31
N GLU D 102 25.30 20.09 7.58
CA GLU D 102 24.92 20.97 8.68
C GLU D 102 25.94 22.10 8.77
#